data_1ZKI
#
_entry.id   1ZKI
#
_cell.length_a   57.948
_cell.length_b   57.948
_cell.length_c   113.502
_cell.angle_alpha   90.00
_cell.angle_beta   90.00
_cell.angle_gamma   120.00
#
_symmetry.space_group_name_H-M   'P 31 2 1'
#
loop_
_entity.id
_entity.type
_entity.pdbx_description
1 polymer 'hypothetical protein PA5202'
2 non-polymer 'ACETIC ACID'
3 water water
#
_entity_poly.entity_id   1
_entity_poly.type   'polypeptide(L)'
_entity_poly.pdbx_seq_one_letter_code
;NG(MSE)SE(MSE)PAREQ(MSE)ISAYSELVGLDPVSLGDGVAEVRLP(MSE)AAHLRNRGGV(MSE)HGGALFSL
(MSE)DVT(MSE)GLACSSSHGFDRQSVTLECKINYIRAVADGEVRCVARVLHAGRRSLVVEAEVRQGDKLVAKGQGTFA
QLGS
;
_entity_poly.pdbx_strand_id   A,B
#
loop_
_chem_comp.id
_chem_comp.type
_chem_comp.name
_chem_comp.formula
ACY non-polymer 'ACETIC ACID' 'C2 H4 O2'
#
# COMPACT_ATOMS: atom_id res chain seq x y z
N MSE A 6 -14.49 21.35 3.20
CA MSE A 6 -13.12 21.66 3.69
C MSE A 6 -13.13 22.80 4.72
O MSE A 6 -13.77 23.83 4.48
CB MSE A 6 -12.19 22.04 2.54
CG MSE A 6 -11.73 20.88 1.67
SE MSE A 6 -10.06 21.27 0.68
CE MSE A 6 -10.64 22.94 -0.33
N PRO A 7 -12.43 22.62 5.85
CA PRO A 7 -12.11 23.77 6.71
C PRO A 7 -11.24 24.79 5.98
N ALA A 8 -10.94 25.91 6.62
CA ALA A 8 -10.12 26.95 5.99
C ALA A 8 -8.75 26.39 5.62
N ARG A 9 -8.15 26.90 4.55
CA ARG A 9 -6.84 26.43 4.10
C ARG A 9 -5.80 26.47 5.23
N GLU A 10 -5.81 27.54 6.01
N GLU A 10 -5.85 27.54 6.02
CA GLU A 10 -4.86 27.72 7.11
CA GLU A 10 -4.92 27.77 7.14
C GLU A 10 -4.89 26.56 8.12
C GLU A 10 -4.96 26.68 8.21
N GLN A 11 -6.01 25.85 8.16
CA GLN A 11 -6.19 24.73 9.09
C GLN A 11 -5.56 23.44 8.55
N MSE A 12 -5.19 23.45 7.28
CA MSE A 12 -4.75 22.23 6.60
C MSE A 12 -3.29 22.27 6.16
O MSE A 12 -2.82 21.33 5.50
CB MSE A 12 -5.62 21.97 5.39
CG MSE A 12 -7.08 21.81 5.70
SE MSE A 12 -7.98 21.40 4.05
CE MSE A 12 -8.16 23.18 3.31
N ILE A 13 -2.60 23.35 6.49
CA ILE A 13 -1.24 23.55 5.98
C ILE A 13 -0.26 23.83 7.11
N SER A 14 1.02 23.65 6.82
CA SER A 14 2.09 23.94 7.77
C SER A 14 3.14 24.77 7.04
N ALA A 15 4.11 25.31 7.77
CA ALA A 15 5.22 26.03 7.13
C ALA A 15 5.91 25.12 6.10
N TYR A 16 6.11 23.85 6.47
CA TYR A 16 6.80 22.95 5.56
C TYR A 16 5.97 22.60 4.32
N SER A 17 4.67 22.39 4.48
CA SER A 17 3.84 22.08 3.31
C SER A 17 3.85 23.28 2.37
N GLU A 18 3.85 24.48 2.92
CA GLU A 18 3.94 25.71 2.10
C GLU A 18 5.26 25.83 1.34
N LEU A 19 6.36 25.47 2.00
CA LEU A 19 7.69 25.50 1.42
C LEU A 19 7.75 24.60 0.19
N VAL A 20 7.26 23.38 0.34
CA VAL A 20 7.31 22.42 -0.75
C VAL A 20 6.36 22.84 -1.89
N GLY A 21 5.28 23.53 -1.53
CA GLY A 21 4.28 23.99 -2.50
C GLY A 21 3.05 23.08 -2.56
N LEU A 22 2.79 22.37 -1.46
CA LEU A 22 1.65 21.46 -1.39
C LEU A 22 0.37 22.28 -1.29
N ASP A 23 -0.66 21.80 -1.96
N ASP A 23 -0.62 21.95 -2.14
CA ASP A 23 -1.86 22.56 -2.11
CA ASP A 23 -1.93 22.61 -2.12
C ASP A 23 -3.06 21.61 -1.93
C ASP A 23 -3.01 21.57 -1.89
N PRO A 24 -3.73 21.66 -0.76
CA PRO A 24 -4.90 20.79 -0.57
C PRO A 24 -5.95 21.03 -1.65
N VAL A 25 -6.57 19.95 -2.14
CA VAL A 25 -7.57 20.02 -3.20
C VAL A 25 -8.96 19.67 -2.68
N SER A 26 -9.07 18.55 -1.96
CA SER A 26 -10.36 18.12 -1.44
C SER A 26 -10.22 17.18 -0.24
N LEU A 27 -11.32 17.03 0.48
CA LEU A 27 -11.42 16.08 1.60
C LEU A 27 -12.77 15.38 1.52
N GLY A 28 -12.76 14.09 1.84
CA GLY A 28 -13.98 13.31 1.93
C GLY A 28 -13.98 12.61 3.27
N ASP A 29 -14.70 11.50 3.36
CA ASP A 29 -14.81 10.77 4.60
C ASP A 29 -13.64 9.80 4.67
N GLY A 30 -12.54 10.24 5.29
CA GLY A 30 -11.34 9.41 5.39
C GLY A 30 -10.54 9.38 4.09
N VAL A 31 -10.69 10.42 3.29
N VAL A 31 -10.70 10.44 3.29
CA VAL A 31 -9.99 10.54 2.01
CA VAL A 31 -10.05 10.57 1.99
C VAL A 31 -9.60 12.01 1.77
C VAL A 31 -9.56 12.02 1.85
N ALA A 32 -8.42 12.23 1.20
CA ALA A 32 -7.95 13.56 0.88
C ALA A 32 -7.18 13.58 -0.43
N GLU A 33 -7.18 14.73 -1.08
CA GLU A 33 -6.38 14.92 -2.28
C GLU A 33 -5.58 16.20 -2.14
N VAL A 34 -4.31 16.13 -2.51
CA VAL A 34 -3.38 17.28 -2.47
C VAL A 34 -2.64 17.35 -3.81
N ARG A 35 -2.38 18.56 -4.31
CA ARG A 35 -1.64 18.72 -5.56
C ARG A 35 -0.28 19.31 -5.27
N LEU A 36 0.68 19.04 -6.16
CA LEU A 36 2.05 19.54 -6.06
C LEU A 36 2.55 19.88 -7.45
N PRO A 37 2.63 21.17 -7.78
CA PRO A 37 3.22 21.57 -9.07
C PRO A 37 4.73 21.48 -9.03
N MSE A 38 5.35 21.04 -10.14
CA MSE A 38 6.81 21.04 -10.24
C MSE A 38 7.33 22.47 -10.09
O MSE A 38 6.68 23.45 -10.48
CB MSE A 38 7.29 20.49 -11.60
CG MSE A 38 8.82 20.37 -11.74
SE MSE A 38 9.49 19.08 -10.48
CE MSE A 38 11.33 19.02 -10.97
N ALA A 39 8.51 22.59 -9.48
CA ALA A 39 9.20 23.86 -9.39
C ALA A 39 10.70 23.58 -9.36
N ALA A 40 11.51 24.60 -9.64
CA ALA A 40 12.95 24.44 -9.72
C ALA A 40 13.51 23.79 -8.44
N HIS A 41 13.02 24.25 -7.29
CA HIS A 41 13.56 23.79 -6.01
C HIS A 41 13.13 22.39 -5.59
N LEU A 42 12.35 21.72 -6.43
CA LEU A 42 11.98 20.31 -6.21
C LEU A 42 12.87 19.34 -6.98
N ARG A 43 13.80 19.86 -7.80
CA ARG A 43 14.58 18.97 -8.66
CA ARG A 43 14.63 19.01 -8.67
C ARG A 43 15.68 18.23 -7.88
N ASN A 44 15.85 16.96 -8.21
CA ASN A 44 16.98 16.20 -7.69
C ASN A 44 18.16 16.35 -8.66
N ARG A 45 19.22 15.57 -8.47
CA ARG A 45 20.41 15.73 -9.34
C ARG A 45 20.12 15.33 -10.79
N GLY A 46 19.12 14.46 -10.98
CA GLY A 46 18.69 14.04 -12.32
C GLY A 46 17.70 14.99 -12.97
N GLY A 47 17.36 16.07 -12.28
CA GLY A 47 16.46 17.09 -12.81
C GLY A 47 14.98 16.73 -12.75
N VAL A 48 14.62 15.70 -11.98
CA VAL A 48 13.23 15.30 -11.80
C VAL A 48 12.74 15.54 -10.36
N MSE A 49 11.44 15.40 -10.12
CA MSE A 49 10.90 15.67 -8.78
C MSE A 49 11.58 14.76 -7.76
O MSE A 49 11.63 13.54 -7.92
CB MSE A 49 9.38 15.50 -8.73
CG MSE A 49 8.79 15.98 -7.43
SE MSE A 49 6.83 15.89 -7.57
CE MSE A 49 6.51 17.28 -8.76
N HIS A 50 12.11 15.37 -6.71
CA HIS A 50 12.90 14.64 -5.72
C HIS A 50 12.00 13.67 -4.95
N GLY A 51 12.53 12.49 -4.67
CA GLY A 51 11.80 11.50 -3.88
C GLY A 51 11.33 12.05 -2.53
N GLY A 52 12.11 12.95 -1.94
CA GLY A 52 11.71 13.57 -0.68
C GLY A 52 10.47 14.44 -0.85
N ALA A 53 10.36 15.14 -1.97
CA ALA A 53 9.19 16.00 -2.23
C ALA A 53 7.95 15.15 -2.44
N LEU A 54 8.11 14.06 -3.18
CA LEU A 54 7.02 13.11 -3.36
C LEU A 54 6.56 12.49 -2.03
N PHE A 55 7.52 12.11 -1.18
CA PHE A 55 7.15 11.58 0.12
C PHE A 55 6.44 12.64 0.96
N SER A 56 6.93 13.88 0.94
CA SER A 56 6.34 14.97 1.71
C SER A 56 4.88 15.16 1.29
N LEU A 57 4.66 15.17 -0.01
CA LEU A 57 3.31 15.21 -0.54
C LEU A 57 2.46 14.08 0.03
N MSE A 58 2.98 12.85 -0.02
CA MSE A 58 2.24 11.71 0.48
C MSE A 58 1.93 11.82 1.99
O MSE A 58 0.80 11.63 2.40
CB MSE A 58 2.98 10.40 0.20
CG MSE A 58 2.18 9.19 0.64
SE MSE A 58 3.08 7.60 0.01
CE MSE A 58 2.78 7.89 -1.90
N ASP A 59 2.93 12.16 2.78
CA ASP A 59 2.74 12.26 4.25
C ASP A 59 1.66 13.31 4.58
N VAL A 60 1.71 14.45 3.91
CA VAL A 60 0.72 15.50 4.14
C VAL A 60 -0.70 15.05 3.77
N THR A 61 -0.83 14.43 2.59
CA THR A 61 -2.13 13.93 2.14
C THR A 61 -2.70 12.87 3.11
N MSE A 62 -1.84 11.95 3.54
CA MSE A 62 -2.24 10.94 4.52
C MSE A 62 -2.70 11.59 5.84
O MSE A 62 -3.70 11.17 6.39
CB MSE A 62 -1.11 9.96 4.77
CG MSE A 62 -0.84 9.04 3.61
SE MSE A 62 0.74 7.93 4.17
CE MSE A 62 0.51 6.48 2.89
N GLY A 63 -1.98 12.61 6.32
CA GLY A 63 -2.40 13.32 7.53
C GLY A 63 -3.78 13.95 7.41
N LEU A 64 -4.04 14.54 6.25
CA LEU A 64 -5.32 15.18 5.96
C LEU A 64 -6.45 14.14 5.86
N ALA A 65 -6.15 12.99 5.25
CA ALA A 65 -7.12 11.88 5.22
C ALA A 65 -7.46 11.44 6.65
N CYS A 66 -6.44 11.33 7.51
CA CYS A 66 -6.68 10.99 8.92
C CYS A 66 -7.56 12.03 9.59
N SER A 67 -7.23 13.30 9.38
CA SER A 67 -8.03 14.37 9.94
C SER A 67 -9.49 14.34 9.46
N SER A 68 -9.70 13.90 8.22
CA SER A 68 -11.07 13.85 7.71
C SER A 68 -11.85 12.69 8.32
N SER A 69 -11.12 11.73 8.88
CA SER A 69 -11.71 10.57 9.55
C SER A 69 -12.02 10.88 11.02
N HIS A 70 -11.03 11.36 11.76
CA HIS A 70 -11.23 11.65 13.21
C HIS A 70 -11.72 13.07 13.51
N GLY A 71 -11.75 13.93 12.49
CA GLY A 71 -12.13 15.33 12.66
C GLY A 71 -10.93 16.20 12.95
N PHE A 72 -11.01 17.46 12.55
CA PHE A 72 -9.91 18.41 12.73
C PHE A 72 -9.81 18.91 14.17
N ASP A 73 -10.78 18.53 14.98
CA ASP A 73 -10.77 18.82 16.42
C ASP A 73 -9.97 17.76 17.18
N ARG A 74 -9.49 16.75 16.46
CA ARG A 74 -8.62 15.73 17.03
CA ARG A 74 -8.63 15.72 17.02
C ARG A 74 -7.33 15.67 16.22
N GLN A 75 -6.30 15.05 16.80
CA GLN A 75 -4.99 14.99 16.15
C GLN A 75 -4.50 13.56 15.96
N SER A 76 -3.70 13.36 14.92
CA SER A 76 -2.94 12.13 14.74
C SER A 76 -1.55 12.51 14.23
N VAL A 77 -0.58 11.62 14.44
CA VAL A 77 0.79 11.85 13.97
C VAL A 77 1.30 10.59 13.29
N THR A 78 2.17 10.76 12.30
CA THR A 78 2.74 9.62 11.59
C THR A 78 3.63 8.78 12.51
N LEU A 79 3.34 7.48 12.63
CA LEU A 79 4.28 6.57 13.28
C LEU A 79 5.34 6.10 12.27
N GLU A 80 4.88 5.72 11.08
CA GLU A 80 5.79 5.18 10.07
C GLU A 80 5.13 5.25 8.71
N CYS A 81 5.92 5.18 7.65
CA CYS A 81 5.39 5.16 6.29
C CYS A 81 6.37 4.46 5.38
N LYS A 82 5.86 3.86 4.31
CA LYS A 82 6.66 3.15 3.33
C LYS A 82 6.18 3.60 1.97
N ILE A 83 7.11 3.93 1.08
CA ILE A 83 6.76 4.44 -0.25
C ILE A 83 7.53 3.66 -1.32
N ASN A 84 6.89 3.42 -2.47
CA ASN A 84 7.58 2.93 -3.67
C ASN A 84 7.54 4.02 -4.72
N TYR A 85 8.67 4.22 -5.38
CA TYR A 85 8.76 5.18 -6.48
C TYR A 85 8.69 4.42 -7.78
N ILE A 86 7.75 4.81 -8.62
CA ILE A 86 7.48 4.00 -9.81
C ILE A 86 8.05 4.65 -11.06
N ARG A 87 7.78 5.93 -11.26
CA ARG A 87 8.48 6.64 -12.34
C ARG A 87 8.70 8.10 -12.04
N ALA A 88 9.61 8.72 -12.79
CA ALA A 88 10.06 10.08 -12.53
C ALA A 88 9.08 11.09 -13.10
N VAL A 89 9.00 12.24 -12.43
CA VAL A 89 8.19 13.37 -12.88
C VAL A 89 9.12 14.54 -13.26
N ALA A 90 9.02 15.03 -14.49
CA ALA A 90 9.94 16.09 -14.96
C ALA A 90 9.27 17.47 -15.04
N ASP A 91 7.94 17.49 -15.09
CA ASP A 91 7.23 18.76 -15.19
C ASP A 91 5.74 18.60 -14.87
N GLY A 92 5.04 19.73 -14.89
CA GLY A 92 3.60 19.74 -14.67
C GLY A 92 3.31 19.56 -13.19
N GLU A 93 2.21 18.91 -12.85
CA GLU A 93 1.90 18.69 -11.45
C GLU A 93 1.51 17.24 -11.17
N VAL A 94 1.60 16.87 -9.90
CA VAL A 94 1.12 15.57 -9.47
C VAL A 94 -0.01 15.72 -8.47
N ARG A 95 -0.85 14.69 -8.38
CA ARG A 95 -1.93 14.63 -7.42
C ARG A 95 -1.71 13.42 -6.54
N CYS A 96 -1.87 13.62 -5.24
CA CYS A 96 -1.86 12.51 -4.30
C CYS A 96 -3.26 12.34 -3.72
N VAL A 97 -3.76 11.11 -3.75
CA VAL A 97 -5.00 10.77 -3.07
C VAL A 97 -4.68 9.74 -1.98
N ALA A 98 -5.08 10.04 -0.75
CA ALA A 98 -4.85 9.15 0.37
C ALA A 98 -6.20 8.70 0.93
N ARG A 99 -6.25 7.47 1.42
CA ARG A 99 -7.48 6.86 1.89
C ARG A 99 -7.20 6.09 3.18
N VAL A 100 -7.94 6.42 4.23
CA VAL A 100 -7.87 5.66 5.48
C VAL A 100 -8.47 4.25 5.25
N LEU A 101 -7.66 3.23 5.54
CA LEU A 101 -8.09 1.82 5.38
C LEU A 101 -8.65 1.27 6.68
N HIS A 102 -8.18 1.80 7.80
N HIS A 102 -8.18 1.82 7.80
CA HIS A 102 -8.70 1.44 9.10
CA HIS A 102 -8.62 1.42 9.13
C HIS A 102 -8.51 2.56 10.09
C HIS A 102 -8.50 2.59 10.08
N ALA A 103 -9.55 2.86 10.84
CA ALA A 103 -9.48 3.87 11.90
C ALA A 103 -9.81 3.20 13.23
N GLY A 104 -8.78 2.83 13.99
CA GLY A 104 -8.96 2.22 15.29
C GLY A 104 -8.92 3.29 16.38
N ARG A 105 -9.14 2.89 17.63
CA ARG A 105 -9.08 3.84 18.74
C ARG A 105 -7.67 4.39 18.96
N ARG A 106 -6.66 3.59 18.61
CA ARG A 106 -5.27 3.98 18.88
C ARG A 106 -4.42 4.19 17.63
N SER A 107 -4.79 3.56 16.53
CA SER A 107 -4.03 3.73 15.29
C SER A 107 -4.91 3.76 14.06
N LEU A 108 -4.37 4.38 13.01
CA LEU A 108 -5.01 4.41 11.71
C LEU A 108 -4.03 3.88 10.68
N VAL A 109 -4.54 3.13 9.72
CA VAL A 109 -3.75 2.70 8.57
C VAL A 109 -4.25 3.44 7.35
N VAL A 110 -3.31 3.95 6.55
CA VAL A 110 -3.66 4.80 5.41
C VAL A 110 -2.82 4.38 4.20
N GLU A 111 -3.43 4.41 3.01
CA GLU A 111 -2.66 4.19 1.79
C GLU A 111 -2.75 5.45 0.95
N ALA A 112 -1.83 5.60 -0.01
CA ALA A 112 -1.88 6.77 -0.89
C ALA A 112 -1.23 6.46 -2.22
N GLU A 113 -1.67 7.15 -3.27
CA GLU A 113 -1.03 7.04 -4.56
C GLU A 113 -0.80 8.44 -5.11
N VAL A 114 0.30 8.60 -5.83
CA VAL A 114 0.61 9.84 -6.51
C VAL A 114 0.54 9.55 -8.00
N ARG A 115 -0.16 10.42 -8.72
CA ARG A 115 -0.35 10.24 -10.15
C ARG A 115 -0.12 11.54 -10.90
N GLN A 116 0.17 11.41 -12.19
CA GLN A 116 0.01 12.52 -13.12
C GLN A 116 -0.88 11.97 -14.23
N GLY A 117 -2.17 12.28 -14.18
CA GLY A 117 -3.14 11.65 -15.07
C GLY A 117 -3.12 10.13 -14.94
N ASP A 118 -2.94 9.45 -16.08
N ASP A 118 -2.94 9.42 -16.04
CA ASP A 118 -2.87 7.98 -16.14
CA ASP A 118 -2.92 7.95 -15.97
C ASP A 118 -1.45 7.43 -15.90
C ASP A 118 -1.60 7.39 -15.43
N LYS A 119 -0.59 8.25 -15.30
CA LYS A 119 0.74 7.80 -14.93
C LYS A 119 0.80 7.60 -13.41
N LEU A 120 1.06 6.36 -12.98
CA LEU A 120 1.30 6.10 -11.56
C LEU A 120 2.73 6.46 -11.23
N VAL A 121 2.90 7.42 -10.31
CA VAL A 121 4.22 7.93 -9.95
C VAL A 121 4.76 7.26 -8.68
N ALA A 122 3.92 7.14 -7.66
CA ALA A 122 4.37 6.53 -6.39
C ALA A 122 3.18 5.94 -5.65
N LYS A 123 3.46 5.01 -4.75
CA LYS A 123 2.40 4.37 -3.98
C LYS A 123 2.98 4.14 -2.59
N GLY A 124 2.15 4.33 -1.56
CA GLY A 124 2.63 4.07 -0.19
C GLY A 124 1.57 3.69 0.79
N GLN A 125 2.02 3.33 1.99
CA GLN A 125 1.17 2.84 3.07
C GLN A 125 1.84 3.24 4.35
N GLY A 126 1.06 3.74 5.31
CA GLY A 126 1.62 4.18 6.60
C GLY A 126 0.66 3.99 7.75
N THR A 127 1.17 4.27 8.95
CA THR A 127 0.44 4.03 10.18
C THR A 127 0.52 5.32 10.97
N PHE A 128 -0.63 5.75 11.47
CA PHE A 128 -0.72 6.96 12.28
C PHE A 128 -1.15 6.59 13.70
N ALA A 129 -0.70 7.37 14.68
CA ALA A 129 -1.12 7.14 16.06
C ALA A 129 -2.23 8.14 16.34
N GLN A 130 -3.36 7.64 16.82
CA GLN A 130 -4.50 8.48 17.19
C GLN A 130 -4.18 9.17 18.52
N LEU A 131 -4.12 10.50 18.49
CA LEU A 131 -3.89 11.26 19.72
C LEU A 131 -5.23 11.68 20.32
N PRO B 7 0.04 -22.14 -16.16
CA PRO B 7 0.86 -23.17 -15.53
C PRO B 7 -0.01 -24.24 -14.86
N ALA B 8 0.57 -25.39 -14.56
CA ALA B 8 -0.13 -26.38 -13.76
C ALA B 8 -0.03 -25.97 -12.30
N ARG B 9 -0.97 -26.45 -11.48
CA ARG B 9 -0.98 -26.21 -10.03
C ARG B 9 0.42 -26.31 -9.41
N GLU B 10 1.22 -27.22 -9.95
CA GLU B 10 2.59 -27.50 -9.49
C GLU B 10 3.56 -26.31 -9.53
N GLN B 11 3.52 -25.53 -10.62
CA GLN B 11 4.48 -24.45 -10.84
C GLN B 11 4.10 -23.20 -10.03
N MSE B 12 3.07 -23.35 -9.19
CA MSE B 12 2.52 -22.25 -8.45
C MSE B 12 2.51 -22.48 -6.96
O MSE B 12 2.14 -21.60 -6.18
CB MSE B 12 1.09 -22.00 -8.86
CG MSE B 12 0.81 -22.10 -10.32
SE MSE B 12 -1.05 -21.65 -10.43
CE MSE B 12 -1.77 -22.77 -8.93
N ILE B 13 2.86 -23.70 -6.55
CA ILE B 13 2.94 -24.01 -5.14
C ILE B 13 4.37 -24.40 -4.76
N SER B 14 4.68 -24.26 -3.49
CA SER B 14 5.96 -24.74 -3.00
C SER B 14 5.69 -25.57 -1.76
N ALA B 15 6.73 -26.25 -1.27
CA ALA B 15 6.62 -27.03 -0.03
C ALA B 15 6.13 -26.14 1.13
N TYR B 16 6.63 -24.91 1.20
CA TYR B 16 6.24 -24.04 2.30
C TYR B 16 4.77 -23.59 2.19
N SER B 17 4.33 -23.25 0.97
CA SER B 17 2.93 -22.87 0.76
CA SER B 17 2.94 -22.86 0.78
C SER B 17 2.00 -23.99 1.18
N GLU B 18 2.39 -25.22 0.84
CA GLU B 18 1.60 -26.38 1.22
C GLU B 18 1.59 -26.57 2.75
N LEU B 19 2.74 -26.33 3.41
CA LEU B 19 2.82 -26.45 4.88
C LEU B 19 1.83 -25.50 5.58
N VAL B 20 1.83 -24.25 5.17
CA VAL B 20 0.99 -23.22 5.76
C VAL B 20 -0.48 -23.49 5.43
N GLY B 21 -0.72 -24.11 4.28
CA GLY B 21 -2.08 -24.47 3.85
C GLY B 21 -2.66 -23.50 2.83
N LEU B 22 -1.78 -22.77 2.16
CA LEU B 22 -2.22 -21.82 1.13
C LEU B 22 -2.90 -22.53 -0.01
N ASP B 23 -3.99 -21.95 -0.50
CA ASP B 23 -4.86 -22.59 -1.48
C ASP B 23 -5.11 -21.61 -2.62
N PRO B 24 -4.28 -21.64 -3.67
CA PRO B 24 -4.53 -20.71 -4.79
C PRO B 24 -5.91 -20.86 -5.43
N VAL B 25 -6.54 -19.72 -5.69
CA VAL B 25 -7.91 -19.69 -6.20
C VAL B 25 -7.95 -19.33 -7.68
N SER B 26 -7.30 -18.24 -8.03
CA SER B 26 -7.29 -17.77 -9.40
C SER B 26 -6.12 -16.84 -9.67
N LEU B 27 -5.82 -16.66 -10.94
CA LEU B 27 -4.79 -15.69 -11.33
C LEU B 27 -4.95 -15.29 -12.77
N GLY B 28 -4.55 -14.06 -13.06
CA GLY B 28 -4.48 -13.60 -14.43
C GLY B 28 -4.31 -12.11 -14.49
N ASP B 29 -3.76 -11.65 -15.62
N ASP B 29 -3.57 -11.65 -15.50
CA ASP B 29 -3.31 -10.28 -15.86
CA ASP B 29 -3.44 -10.23 -15.84
C ASP B 29 -2.97 -9.45 -14.64
C ASP B 29 -2.89 -9.36 -14.70
N GLY B 30 -1.91 -9.89 -13.98
CA GLY B 30 -1.29 -9.14 -12.88
C GLY B 30 -2.12 -9.12 -11.61
N VAL B 31 -3.05 -10.07 -11.48
CA VAL B 31 -3.83 -10.25 -10.26
C VAL B 31 -3.86 -11.72 -9.86
N ALA B 32 -3.83 -11.98 -8.55
CA ALA B 32 -3.98 -13.33 -8.05
C ALA B 32 -4.81 -13.31 -6.76
N GLU B 33 -5.48 -14.42 -6.52
CA GLU B 33 -6.21 -14.62 -5.28
C GLU B 33 -5.84 -15.97 -4.67
N VAL B 34 -5.59 -15.98 -3.36
CA VAL B 34 -5.19 -17.20 -2.63
C VAL B 34 -6.00 -17.25 -1.33
N ARG B 35 -6.49 -18.45 -0.98
CA ARG B 35 -7.26 -18.67 0.25
C ARG B 35 -6.37 -19.32 1.31
N LEU B 36 -6.64 -18.99 2.57
CA LEU B 36 -5.96 -19.66 3.69
C LEU B 36 -6.97 -19.99 4.80
N PRO B 37 -7.29 -21.29 4.98
CA PRO B 37 -8.11 -21.67 6.13
C PRO B 37 -7.33 -21.67 7.42
N MSE B 38 -8.01 -21.28 8.51
CA MSE B 38 -7.42 -21.35 9.84
C MSE B 38 -7.15 -22.83 10.15
O MSE B 38 -7.90 -23.72 9.75
CB MSE B 38 -8.32 -20.71 10.89
CG MSE B 38 -7.76 -20.70 12.33
SE MSE B 38 -6.12 -19.66 12.41
CE MSE B 38 -5.86 -19.58 14.30
N ALA B 39 -6.06 -23.07 10.86
CA ALA B 39 -5.75 -24.42 11.34
C ALA B 39 -4.99 -24.28 12.64
N ALA B 40 -4.99 -25.35 13.44
CA ALA B 40 -4.38 -25.30 14.77
C ALA B 40 -2.94 -24.77 14.70
N HIS B 41 -2.18 -25.23 13.71
CA HIS B 41 -0.77 -24.89 13.60
C HIS B 41 -0.49 -23.45 13.11
N LEU B 42 -1.54 -22.67 12.89
CA LEU B 42 -1.37 -21.26 12.51
C LEU B 42 -1.55 -20.32 13.70
N ARG B 43 -1.86 -20.88 14.87
CA ARG B 43 -2.18 -20.04 16.02
CA ARG B 43 -2.17 -20.09 16.08
C ARG B 43 -0.94 -19.43 16.65
N ASN B 44 -1.07 -18.15 17.01
CA ASN B 44 0.00 -17.49 17.75
C ASN B 44 -0.22 -17.69 19.24
N ARG B 45 0.54 -16.96 20.06
CA ARG B 45 0.44 -17.07 21.53
C ARG B 45 -0.94 -16.65 22.05
N GLY B 46 -1.61 -15.75 21.32
CA GLY B 46 -2.96 -15.30 21.66
C GLY B 46 -4.07 -16.14 21.03
N GLY B 47 -3.72 -17.25 20.39
CA GLY B 47 -4.71 -18.13 19.79
C GLY B 47 -5.36 -17.64 18.50
N VAL B 48 -4.74 -16.64 17.86
CA VAL B 48 -5.27 -16.14 16.57
C VAL B 48 -4.26 -16.39 15.45
N MSE B 49 -4.67 -16.20 14.20
CA MSE B 49 -3.79 -16.50 13.07
C MSE B 49 -2.49 -15.70 13.19
O MSE B 49 -2.54 -14.47 13.33
CB MSE B 49 -4.47 -16.19 11.74
CG MSE B 49 -3.66 -16.64 10.54
SE MSE B 49 -4.66 -16.41 8.86
CE MSE B 49 -5.85 -17.97 8.99
N HIS B 50 -1.36 -16.39 13.13
CA HIS B 50 -0.06 -15.76 13.31
C HIS B 50 0.24 -14.74 12.21
N GLY B 51 0.78 -13.59 12.59
CA GLY B 51 1.26 -12.59 11.62
C GLY B 51 2.15 -13.16 10.52
N GLY B 52 3.01 -14.12 10.87
CA GLY B 52 3.87 -14.81 9.91
C GLY B 52 3.08 -15.59 8.87
N ALA B 53 1.99 -16.21 9.29
CA ALA B 53 1.11 -16.96 8.36
C ALA B 53 0.44 -15.98 7.40
N LEU B 54 -0.06 -14.87 7.94
CA LEU B 54 -0.69 -13.83 7.12
C LEU B 54 0.30 -13.25 6.11
N PHE B 55 1.52 -12.97 6.56
CA PHE B 55 2.55 -12.49 5.65
C PHE B 55 2.87 -13.53 4.57
N SER B 56 2.97 -14.79 4.98
CA SER B 56 3.27 -15.87 4.04
C SER B 56 2.23 -15.94 2.93
N LEU B 57 0.96 -15.89 3.34
CA LEU B 57 -0.15 -15.79 2.42
C LEU B 57 0.05 -14.63 1.44
N MSE B 58 0.32 -13.43 1.97
CA MSE B 58 0.48 -12.25 1.13
C MSE B 58 1.67 -12.40 0.16
O MSE B 58 1.53 -12.11 -1.02
CB MSE B 58 0.62 -10.99 1.98
CG MSE B 58 0.69 -9.75 1.13
SE MSE B 58 0.72 -8.22 2.31
CE MSE B 58 -1.07 -8.35 3.04
N ASP B 59 2.81 -12.88 0.64
CA ASP B 59 3.99 -13.00 -0.20
C ASP B 59 3.72 -13.93 -1.40
N VAL B 60 3.06 -15.07 -1.13
CA VAL B 60 2.76 -16.04 -2.17
C VAL B 60 1.78 -15.45 -3.20
N THR B 61 0.74 -14.79 -2.71
CA THR B 61 -0.25 -14.17 -3.61
C THR B 61 0.42 -13.12 -4.50
N MSE B 62 1.30 -12.30 -3.90
CA MSE B 62 2.04 -11.29 -4.66
C MSE B 62 2.91 -11.95 -5.74
O MSE B 62 3.00 -11.47 -6.87
CB MSE B 62 2.88 -10.42 -3.72
CG MSE B 62 2.06 -9.47 -2.89
SE MSE B 62 3.35 -8.63 -1.64
CE MSE B 62 2.30 -6.98 -1.22
N GLY B 63 3.54 -13.07 -5.38
CA GLY B 63 4.41 -13.80 -6.28
C GLY B 63 3.65 -14.34 -7.48
N LEU B 64 2.47 -14.88 -7.21
CA LEU B 64 1.61 -15.38 -8.28
C LEU B 64 1.09 -14.26 -9.18
N ALA B 65 0.78 -13.11 -8.58
CA ALA B 65 0.37 -11.95 -9.37
C ALA B 65 1.49 -11.53 -10.31
N CYS B 66 2.71 -11.44 -9.79
CA CYS B 66 3.88 -11.12 -10.61
C CYS B 66 4.03 -12.14 -11.75
N SER B 67 3.97 -13.42 -11.41
CA SER B 67 4.09 -14.46 -12.43
C SER B 67 3.05 -14.27 -13.51
N SER B 68 1.82 -13.91 -13.12
CA SER B 68 0.77 -13.68 -14.12
C SER B 68 1.06 -12.48 -15.02
N SER B 69 1.87 -11.54 -14.53
CA SER B 69 2.28 -10.37 -15.30
CA SER B 69 2.28 -10.36 -15.32
C SER B 69 3.40 -10.67 -16.29
N HIS B 70 4.54 -11.15 -15.77
CA HIS B 70 5.70 -11.38 -16.62
C HIS B 70 5.70 -12.74 -17.32
N GLY B 71 4.75 -13.59 -16.94
CA GLY B 71 4.66 -14.92 -17.52
C GLY B 71 5.35 -15.95 -16.65
N PHE B 72 4.77 -17.15 -16.59
CA PHE B 72 5.33 -18.25 -15.79
C PHE B 72 6.61 -18.87 -16.37
N ASP B 73 6.96 -18.46 -17.59
CA ASP B 73 8.22 -18.90 -18.18
C ASP B 73 9.38 -17.98 -17.75
N ARG B 74 9.06 -16.99 -16.93
CA ARG B 74 10.06 -16.09 -16.36
C ARG B 74 9.95 -16.15 -14.84
N GLN B 75 11.00 -15.72 -14.15
CA GLN B 75 10.99 -15.74 -12.68
C GLN B 75 11.14 -14.35 -12.08
N SER B 76 10.54 -14.15 -10.91
CA SER B 76 10.80 -12.97 -10.09
C SER B 76 10.91 -13.43 -8.64
N VAL B 77 11.58 -12.64 -7.80
CA VAL B 77 11.75 -12.99 -6.39
C VAL B 77 11.43 -11.73 -5.58
N THR B 78 10.98 -11.93 -4.35
CA THR B 78 10.66 -10.79 -3.47
C THR B 78 11.97 -10.09 -3.11
N LEU B 79 12.05 -8.78 -3.36
CA LEU B 79 13.14 -7.97 -2.84
C LEU B 79 12.82 -7.49 -1.43
N GLU B 80 11.60 -7.00 -1.25
CA GLU B 80 11.17 -6.46 0.05
C GLU B 80 9.65 -6.41 0.10
N CYS B 81 9.11 -6.35 1.32
CA CYS B 81 7.67 -6.23 1.46
C CYS B 81 7.35 -5.62 2.81
N LYS B 82 6.23 -4.90 2.87
CA LYS B 82 5.80 -4.21 4.10
C LYS B 82 4.33 -4.56 4.31
N ILE B 83 3.98 -4.90 5.53
CA ILE B 83 2.62 -5.32 5.83
C ILE B 83 2.10 -4.57 7.05
N ASN B 84 0.80 -4.24 7.06
CA ASN B 84 0.09 -3.79 8.27
C ASN B 84 -0.95 -4.81 8.67
N TYR B 85 -1.04 -5.08 9.96
CA TYR B 85 -2.04 -6.01 10.52
C TYR B 85 -3.15 -5.16 11.10
N ILE B 86 -4.37 -5.43 10.65
CA ILE B 86 -5.53 -4.61 10.99
C ILE B 86 -6.51 -5.30 11.93
N ARG B 87 -6.78 -6.59 11.70
CA ARG B 87 -7.76 -7.35 12.46
CA ARG B 87 -7.75 -7.35 12.48
C ARG B 87 -7.26 -8.77 12.76
N ALA B 88 -7.60 -9.29 13.94
CA ALA B 88 -7.22 -10.67 14.27
C ALA B 88 -8.18 -11.66 13.60
N VAL B 89 -7.67 -12.85 13.32
CA VAL B 89 -8.46 -13.93 12.72
C VAL B 89 -8.43 -15.10 13.70
N ALA B 90 -9.60 -15.50 14.19
CA ALA B 90 -9.71 -16.53 15.22
C ALA B 90 -10.14 -17.88 14.65
N ASP B 91 -10.83 -17.85 13.50
CA ASP B 91 -11.33 -19.05 12.86
C ASP B 91 -11.76 -18.75 11.43
N GLY B 92 -12.28 -19.77 10.75
CA GLY B 92 -12.78 -19.60 9.40
C GLY B 92 -11.65 -19.58 8.38
N GLU B 93 -11.79 -18.75 7.36
CA GLU B 93 -10.78 -18.62 6.32
C GLU B 93 -10.60 -17.16 5.95
N VAL B 94 -9.46 -16.86 5.33
CA VAL B 94 -9.22 -15.53 4.76
C VAL B 94 -8.88 -15.67 3.28
N ARG B 95 -9.01 -14.57 2.56
CA ARG B 95 -8.65 -14.54 1.14
C ARG B 95 -7.69 -13.37 0.94
N CYS B 96 -6.65 -13.59 0.17
CA CYS B 96 -5.72 -12.54 -0.18
C CYS B 96 -5.85 -12.28 -1.67
N VAL B 97 -5.93 -11.00 -2.05
CA VAL B 97 -5.90 -10.61 -3.44
C VAL B 97 -4.73 -9.66 -3.63
N ALA B 98 -3.85 -9.97 -4.58
CA ALA B 98 -2.70 -9.12 -4.89
C ALA B 98 -2.84 -8.59 -6.32
N ARG B 99 -2.36 -7.37 -6.53
CA ARG B 99 -2.40 -6.71 -7.83
C ARG B 99 -1.06 -6.05 -8.13
N VAL B 100 -0.51 -6.35 -9.30
CA VAL B 100 0.70 -5.69 -9.77
C VAL B 100 0.35 -4.26 -10.15
N LEU B 101 1.02 -3.30 -9.52
CA LEU B 101 0.82 -1.88 -9.82
C LEU B 101 1.75 -1.36 -10.87
N HIS B 102 2.90 -2.02 -11.01
CA HIS B 102 3.90 -1.64 -12.00
C HIS B 102 4.75 -2.85 -12.36
N ALA B 103 4.92 -3.09 -13.65
CA ALA B 103 5.76 -4.18 -14.11
C ALA B 103 6.88 -3.63 -14.99
N GLY B 104 8.04 -3.39 -14.39
CA GLY B 104 9.19 -2.85 -15.10
C GLY B 104 10.10 -3.94 -15.62
N ARG B 105 11.14 -3.52 -16.35
CA ARG B 105 12.14 -4.45 -16.88
CA ARG B 105 12.14 -4.44 -16.88
C ARG B 105 12.93 -5.13 -15.77
N ARG B 106 13.17 -4.40 -14.68
CA ARG B 106 13.99 -4.90 -13.59
C ARG B 106 13.24 -5.18 -12.29
N SER B 107 12.12 -4.49 -12.08
CA SER B 107 11.36 -4.66 -10.84
C SER B 107 9.86 -4.53 -11.07
N LEU B 108 9.09 -5.10 -10.14
CA LEU B 108 7.65 -4.96 -10.12
C LEU B 108 7.23 -4.48 -8.75
N VAL B 109 6.19 -3.64 -8.71
CA VAL B 109 5.60 -3.18 -7.45
C VAL B 109 4.24 -3.83 -7.38
N VAL B 110 3.92 -4.39 -6.21
CA VAL B 110 2.69 -5.17 -6.02
C VAL B 110 2.07 -4.76 -4.70
N GLU B 111 0.74 -4.68 -4.67
CA GLU B 111 0.04 -4.49 -3.40
C GLU B 111 -0.90 -5.67 -3.13
N ALA B 112 -1.31 -5.83 -1.90
CA ALA B 112 -2.21 -6.94 -1.58
C ALA B 112 -3.04 -6.63 -0.36
N GLU B 113 -4.23 -7.23 -0.31
CA GLU B 113 -5.04 -7.15 0.87
C GLU B 113 -5.52 -8.53 1.25
N VAL B 114 -5.68 -8.74 2.56
CA VAL B 114 -6.23 -9.96 3.11
C VAL B 114 -7.54 -9.54 3.76
N ARG B 115 -8.61 -10.28 3.47
CA ARG B 115 -9.92 -10.04 4.05
C ARG B 115 -10.50 -11.32 4.68
N GLN B 116 -11.34 -11.15 5.70
CA GLN B 116 -12.21 -12.23 6.13
C GLN B 116 -13.63 -11.75 5.90
N GLY B 117 -14.29 -12.35 4.91
CA GLY B 117 -15.58 -11.82 4.44
C GLY B 117 -15.30 -10.42 3.91
N ASP B 118 -16.05 -9.44 4.37
CA ASP B 118 -15.81 -8.08 3.91
C ASP B 118 -14.78 -7.32 4.75
N LYS B 119 -14.33 -7.91 5.85
CA LYS B 119 -13.50 -7.21 6.84
C LYS B 119 -12.03 -7.22 6.43
N LEU B 120 -11.37 -6.04 6.46
CA LEU B 120 -9.96 -5.95 6.14
C LEU B 120 -9.14 -6.54 7.29
N VAL B 121 -8.26 -7.48 6.97
CA VAL B 121 -7.41 -8.13 7.96
C VAL B 121 -5.96 -7.63 7.90
N ALA B 122 -5.44 -7.45 6.69
CA ALA B 122 -4.05 -6.99 6.51
C ALA B 122 -3.92 -6.33 5.14
N LYS B 123 -2.96 -5.42 5.02
CA LYS B 123 -2.71 -4.73 3.75
C LYS B 123 -1.21 -4.64 3.59
N GLY B 124 -0.72 -4.83 2.37
CA GLY B 124 0.72 -4.75 2.16
C GLY B 124 1.13 -4.27 0.78
N GLN B 125 2.42 -3.94 0.67
CA GLN B 125 2.98 -3.46 -0.57
C GLN B 125 4.41 -3.94 -0.61
N GLY B 126 4.86 -4.41 -1.77
CA GLY B 126 6.22 -4.92 -1.86
C GLY B 126 6.80 -4.77 -3.24
N THR B 127 8.09 -5.10 -3.34
CA THR B 127 8.84 -4.93 -4.59
C THR B 127 9.45 -6.29 -4.95
N PHE B 128 9.35 -6.66 -6.22
CA PHE B 128 9.90 -7.91 -6.71
C PHE B 128 10.99 -7.60 -7.75
N ALA B 129 12.04 -8.42 -7.78
CA ALA B 129 13.08 -8.25 -8.79
C ALA B 129 12.79 -9.21 -9.94
N GLN B 130 12.77 -8.66 -11.15
CA GLN B 130 12.59 -9.45 -12.35
C GLN B 130 13.90 -10.16 -12.66
N LEU B 131 13.86 -11.48 -12.74
CA LEU B 131 15.04 -12.24 -13.14
C LEU B 131 15.05 -12.44 -14.66
C ACY C . -5.46 -22.40 -10.04
O ACY C . -6.67 -22.49 -10.34
OXT ACY C . -4.74 -23.37 -9.80
CH3 ACY C . -4.89 -21.01 -9.97
#